data_3BCN
#
_entry.id   3BCN
#
_cell.length_a   31.168
_cell.length_b   105.587
_cell.length_c   73.927
_cell.angle_alpha   90.00
_cell.angle_beta   101.96
_cell.angle_gamma   90.00
#
_symmetry.space_group_name_H-M   'P 1 21 1'
#
loop_
_entity.id
_entity.type
_entity.pdbx_description
1 polymer Ervatamin-A
2 non-polymer N-[N-[1-HYDROXYCARBOXYETHYL-CARBONYL]LEUCYLAMINO-BUTYL]-GUANIDINE
3 non-polymer BETA-MERCAPTOETHANOL
4 water water
#
_entity_poly.entity_id   1
_entity_poly.type   'polypeptide(L)'
_entity_poly.pdbx_seq_one_letter_code
;LPEHVDWRAKGAVIPLKNQGKCGSCWAFSTVTTVESINQIRTGNLISLSEQQLVDCSKKNHGCKGGYFDRAYQYIIANGG
IDTEANYPYKAFQGPCRAAKKVVRIDGCKGVPQCNENALKNAVASQPSVVAIDASSKQFQHYKGGIFTGPCGTKLNHGVV
IVGYGKDYWIVRNSWGRHWGEQGYTRMKRVGGCGLCGIARLPFYPTKA(UNK)
;
_entity_poly.pdbx_strand_id   A,B
#
# COMPACT_ATOMS: atom_id res chain seq x y z
N LEU A 1 12.22 31.61 -7.47
CA LEU A 1 11.68 31.61 -6.08
C LEU A 1 12.78 31.06 -5.16
N PRO A 2 12.51 30.94 -3.86
CA PRO A 2 13.57 30.40 -3.00
C PRO A 2 13.79 28.95 -3.38
N GLU A 3 14.97 28.65 -3.92
CA GLU A 3 15.28 27.31 -4.37
C GLU A 3 14.66 26.21 -3.54
N HIS A 4 14.70 26.38 -2.21
CA HIS A 4 14.17 25.38 -1.27
C HIS A 4 13.37 26.06 -0.16
N VAL A 5 12.13 25.61 0.08
CA VAL A 5 11.28 26.16 1.12
C VAL A 5 10.51 25.09 1.93
N ASP A 6 10.54 25.24 3.25
CA ASP A 6 9.87 24.30 4.15
C ASP A 6 9.01 25.05 5.15
N TRP A 7 7.71 24.78 5.10
CA TRP A 7 6.74 25.42 6.00
C TRP A 7 6.63 24.64 7.31
N ARG A 8 7.39 23.57 7.43
CA ARG A 8 7.36 22.77 8.64
C ARG A 8 8.30 23.38 9.66
N ALA A 9 9.39 23.98 9.19
CA ALA A 9 10.37 24.57 10.07
C ALA A 9 9.97 25.98 10.43
N LYS A 10 9.01 26.52 9.70
CA LYS A 10 8.59 27.87 9.99
C LYS A 10 7.59 27.91 11.12
N GLY A 11 7.09 26.74 11.51
CA GLY A 11 6.12 26.69 12.59
C GLY A 11 4.70 26.91 12.09
N ALA A 12 4.50 26.61 10.80
CA ALA A 12 3.20 26.77 10.18
C ALA A 12 2.49 25.43 10.06
N VAL A 13 3.27 24.35 10.01
CA VAL A 13 2.71 23.01 9.87
C VAL A 13 2.69 22.20 11.16
N ILE A 14 1.48 21.77 11.54
CA ILE A 14 1.17 20.99 12.74
C ILE A 14 1.77 19.57 12.70
N PRO A 15 1.78 18.86 13.85
CA PRO A 15 2.33 17.51 13.73
C PRO A 15 1.45 16.65 12.81
N LEU A 16 2.02 15.55 12.31
CA LEU A 16 1.37 14.56 11.44
C LEU A 16 0.05 14.05 12.00
N LYS A 17 -0.94 13.64 11.21
CA LYS A 17 -2.20 13.21 11.83
C LYS A 17 -2.73 11.76 11.99
N ASN A 18 -3.25 11.16 10.91
CA ASN A 18 -3.82 9.78 10.82
C ASN A 18 -5.34 9.85 10.64
N GLN A 19 -5.75 9.63 9.40
CA GLN A 19 -7.15 9.65 9.03
C GLN A 19 -7.84 8.38 9.47
N GLY A 20 -7.06 7.33 9.70
CA GLY A 20 -7.59 6.05 10.14
C GLY A 20 -8.22 5.24 9.03
N LYS A 21 -8.79 4.09 9.39
CA LYS A 21 -9.43 3.23 8.41
C LYS A 21 -10.69 3.89 7.86
N CYS A 22 -10.57 5.18 7.54
CA CYS A 22 -11.65 5.98 7.00
C CYS A 22 -11.25 6.82 5.76
N GLY A 23 -12.05 6.72 4.70
CA GLY A 23 -11.77 7.46 3.47
C GLY A 23 -11.99 8.97 3.55
N SER A 24 -11.24 9.64 4.43
CA SER A 24 -11.38 11.07 4.67
C SER A 24 -10.17 11.90 4.27
N CYS A 25 -9.40 11.40 3.33
CA CYS A 25 -8.21 12.09 2.83
C CYS A 25 -8.60 13.49 2.44
N TRP A 26 -9.75 13.59 1.78
CA TRP A 26 -10.30 14.85 1.29
C TRP A 26 -10.50 15.89 2.37
N ALA A 27 -10.71 15.45 3.60
CA ALA A 27 -10.93 16.38 4.70
C ALA A 27 -9.61 16.78 5.33
N PHE A 28 -8.82 15.79 5.73
CA PHE A 28 -7.51 16.03 6.33
C PHE A 28 -6.67 17.03 5.55
N SER A 29 -6.55 16.78 4.24
CA SER A 29 -5.75 17.60 3.36
C SER A 29 -6.23 19.05 3.25
N THR A 30 -7.47 19.20 2.80
CA THR A 30 -8.07 20.51 2.63
C THR A 30 -8.15 21.28 3.95
N VAL A 31 -7.99 20.58 5.06
CA VAL A 31 -8.08 21.22 6.37
C VAL A 31 -6.75 21.69 6.91
N THR A 32 -5.70 20.95 6.63
CA THR A 32 -4.36 21.28 7.08
C THR A 32 -3.82 22.45 6.26
N THR A 33 -4.49 22.76 5.16
CA THR A 33 -4.09 23.89 4.33
C THR A 33 -4.65 25.17 4.96
N VAL A 34 -5.88 25.09 5.47
CA VAL A 34 -6.52 26.22 6.13
C VAL A 34 -5.86 26.44 7.50
N GLU A 35 -5.06 25.46 7.94
CA GLU A 35 -4.37 25.55 9.21
C GLU A 35 -3.12 26.38 9.08
N SER A 36 -2.39 26.19 7.98
CA SER A 36 -1.15 26.91 7.76
C SER A 36 -1.32 28.29 7.16
N ILE A 37 -2.47 28.55 6.56
CA ILE A 37 -2.69 29.88 5.99
C ILE A 37 -3.06 30.79 7.17
N ASN A 38 -3.71 30.21 8.16
CA ASN A 38 -4.11 30.95 9.36
C ASN A 38 -2.87 31.12 10.25
N GLN A 39 -1.84 30.31 10.02
CA GLN A 39 -0.59 30.44 10.76
C GLN A 39 0.35 31.00 9.70
N ILE A 40 0.19 32.29 9.41
CA ILE A 40 0.98 32.98 8.39
C ILE A 40 0.55 34.44 8.34
N ARG A 41 -0.76 34.64 8.34
CA ARG A 41 -1.31 36.00 8.31
C ARG A 41 -1.64 36.40 9.75
N THR A 42 -2.30 35.49 10.46
CA THR A 42 -2.71 35.71 11.84
C THR A 42 -1.57 35.45 12.84
N GLY A 43 -0.78 34.42 12.59
CA GLY A 43 0.34 34.12 13.48
C GLY A 43 0.01 33.08 14.51
N ASN A 44 -1.21 32.55 14.44
CA ASN A 44 -1.69 31.50 15.35
C ASN A 44 -1.69 30.12 14.66
N LEU A 45 -1.15 29.12 15.34
CA LEU A 45 -1.10 27.77 14.76
C LEU A 45 -2.04 26.85 15.52
N ILE A 46 -3.26 26.68 14.99
CA ILE A 46 -4.24 25.81 15.60
C ILE A 46 -4.52 24.56 14.73
N SER A 47 -4.95 23.47 15.40
CA SER A 47 -5.28 22.20 14.78
C SER A 47 -6.80 22.11 14.72
N LEU A 48 -7.36 22.39 13.55
CA LEU A 48 -8.81 22.37 13.32
C LEU A 48 -9.37 20.94 13.22
N SER A 49 -10.69 20.81 13.21
CA SER A 49 -11.35 19.51 13.16
C SER A 49 -11.73 18.94 11.78
N GLU A 50 -11.22 17.74 11.50
CA GLU A 50 -11.49 17.01 10.26
C GLU A 50 -12.82 16.31 10.43
N GLN A 51 -13.29 16.26 11.68
CA GLN A 51 -14.54 15.59 12.05
C GLN A 51 -15.75 16.48 11.82
N GLN A 52 -15.57 17.78 12.00
CA GLN A 52 -16.68 18.70 11.76
C GLN A 52 -17.01 18.65 10.28
N LEU A 53 -16.02 18.22 9.50
CA LEU A 53 -16.13 18.11 8.05
C LEU A 53 -16.84 16.83 7.63
N VAL A 54 -16.46 15.70 8.23
CA VAL A 54 -17.10 14.44 7.89
C VAL A 54 -18.57 14.46 8.35
N ASP A 55 -18.87 15.23 9.38
CA ASP A 55 -20.22 15.30 9.93
C ASP A 55 -21.09 16.41 9.36
N CYS A 56 -20.47 17.37 8.68
CA CYS A 56 -21.25 18.49 8.19
C CYS A 56 -21.19 18.78 6.70
N SER A 57 -20.13 18.30 6.04
CA SER A 57 -19.99 18.54 4.61
C SER A 57 -20.82 17.54 3.86
N LYS A 58 -22.11 17.46 4.22
CA LYS A 58 -23.05 16.54 3.60
C LYS A 58 -22.83 16.40 2.10
N LYS A 59 -22.45 17.50 1.46
CA LYS A 59 -22.22 17.52 0.02
C LYS A 59 -21.30 16.38 -0.33
N ASN A 60 -20.37 16.10 0.58
CA ASN A 60 -19.42 15.02 0.40
C ASN A 60 -19.88 13.67 0.96
N HIS A 61 -18.94 12.82 1.34
CA HIS A 61 -19.31 11.49 1.81
C HIS A 61 -18.43 10.96 2.92
N GLY A 62 -18.44 11.67 4.05
CA GLY A 62 -17.67 11.29 5.21
C GLY A 62 -16.47 10.42 4.95
N CYS A 63 -16.62 9.14 5.25
CA CYS A 63 -15.54 8.17 5.12
C CYS A 63 -15.37 7.47 3.80
N LYS A 64 -16.22 7.77 2.82
CA LYS A 64 -16.07 7.13 1.53
C LYS A 64 -16.10 8.08 0.34
N GLY A 65 -15.07 8.90 0.20
CA GLY A 65 -15.02 9.80 -0.92
C GLY A 65 -15.11 11.26 -0.54
N GLY A 66 -14.58 12.12 -1.43
CA GLY A 66 -14.60 13.54 -1.21
C GLY A 66 -13.80 14.30 -2.24
N TYR A 67 -14.13 15.58 -2.43
CA TYR A 67 -13.42 16.42 -3.38
C TYR A 67 -13.00 17.71 -2.71
N PHE A 68 -12.09 18.43 -3.33
CA PHE A 68 -11.59 19.66 -2.77
C PHE A 68 -12.51 20.83 -3.02
N ASP A 69 -13.05 20.91 -4.25
CA ASP A 69 -13.96 21.98 -4.64
C ASP A 69 -15.32 21.78 -4.03
N ARG A 70 -15.37 21.44 -2.74
CA ARG A 70 -16.61 21.20 -2.03
C ARG A 70 -16.38 21.09 -0.53
N ALA A 71 -15.12 21.02 -0.13
CA ALA A 71 -14.76 20.95 1.27
C ALA A 71 -14.43 22.40 1.62
N TYR A 72 -13.86 23.10 0.65
CA TYR A 72 -13.52 24.49 0.85
C TYR A 72 -14.76 25.34 0.97
N GLN A 73 -15.61 25.30 -0.05
CA GLN A 73 -16.85 26.10 -0.06
C GLN A 73 -17.65 25.87 1.21
N TYR A 74 -17.62 24.66 1.71
CA TYR A 74 -18.34 24.37 2.93
C TYR A 74 -17.85 25.29 4.03
N ILE A 75 -16.53 25.28 4.26
CA ILE A 75 -15.85 26.07 5.30
C ILE A 75 -16.01 27.60 5.21
N ILE A 76 -16.30 28.10 4.01
CA ILE A 76 -16.47 29.52 3.82
C ILE A 76 -17.92 29.91 3.98
N ALA A 77 -18.79 29.20 3.29
CA ALA A 77 -20.21 29.48 3.36
C ALA A 77 -20.75 29.28 4.77
N ASN A 78 -20.03 28.56 5.62
CA ASN A 78 -20.48 28.32 6.98
C ASN A 78 -19.89 29.24 8.07
N GLY A 79 -19.02 30.16 7.69
CA GLY A 79 -18.47 31.04 8.70
C GLY A 79 -17.18 30.53 9.29
N GLY A 80 -16.84 29.27 9.04
CA GLY A 80 -15.60 28.73 9.56
C GLY A 80 -15.60 27.28 9.98
N ILE A 81 -14.47 26.86 10.56
CA ILE A 81 -14.24 25.51 11.03
C ILE A 81 -13.93 25.58 12.52
N ASP A 82 -14.12 24.45 13.22
CA ASP A 82 -13.86 24.35 14.66
C ASP A 82 -12.57 23.58 14.85
N THR A 83 -11.95 23.75 16.01
CA THR A 83 -10.68 23.11 16.32
C THR A 83 -10.80 21.62 16.57
N GLU A 84 -9.66 20.96 16.69
CA GLU A 84 -9.63 19.51 16.91
C GLU A 84 -10.05 19.19 18.34
N ALA A 85 -9.45 19.91 19.30
CA ALA A 85 -9.74 19.70 20.73
C ALA A 85 -11.23 19.66 20.97
N ASN A 86 -11.92 20.69 20.48
CA ASN A 86 -13.35 20.83 20.60
C ASN A 86 -14.10 19.70 19.94
N TYR A 87 -13.79 19.55 18.65
CA TYR A 87 -14.38 18.57 17.76
C TYR A 87 -13.35 17.48 17.45
N PRO A 88 -13.04 16.61 18.42
CA PRO A 88 -12.07 15.53 18.21
C PRO A 88 -12.45 14.60 17.10
N TYR A 89 -11.50 13.74 16.76
CA TYR A 89 -11.71 12.79 15.69
C TYR A 89 -12.28 11.50 16.23
N LYS A 90 -13.15 10.86 15.46
CA LYS A 90 -13.75 9.60 15.89
C LYS A 90 -13.50 8.48 14.88
N ALA A 91 -13.18 8.87 13.64
CA ALA A 91 -12.87 7.97 12.52
C ALA A 91 -14.10 7.42 11.81
N PHE A 92 -15.16 8.20 11.86
CA PHE A 92 -16.41 7.79 11.26
C PHE A 92 -17.42 8.96 11.28
N GLN A 93 -18.30 8.97 10.29
CA GLN A 93 -19.30 10.03 10.18
C GLN A 93 -20.39 10.00 11.27
N GLY A 94 -21.18 11.06 11.34
CA GLY A 94 -22.24 11.13 12.34
C GLY A 94 -23.03 12.42 12.24
N PRO A 95 -23.81 12.82 13.28
CA PRO A 95 -24.59 14.06 13.26
C PRO A 95 -23.65 15.25 13.10
N CYS A 96 -24.19 16.45 12.95
CA CYS A 96 -23.34 17.62 12.83
C CYS A 96 -23.66 18.65 13.92
N ARG A 97 -22.82 18.67 14.95
CA ARG A 97 -22.96 19.51 16.14
C ARG A 97 -22.99 21.06 16.03
N ALA A 98 -23.10 21.70 17.20
CA ALA A 98 -23.14 23.15 17.38
C ALA A 98 -21.73 23.65 17.66
N ALA A 99 -20.87 23.49 16.67
CA ALA A 99 -19.49 23.89 16.81
C ALA A 99 -19.32 25.38 16.52
N LYS A 100 -18.20 25.94 16.97
CA LYS A 100 -17.91 27.34 16.75
C LYS A 100 -17.06 27.54 15.51
N LYS A 101 -16.89 28.81 15.16
CA LYS A 101 -16.12 29.19 14.00
C LYS A 101 -14.86 29.90 14.45
N VAL A 102 -13.84 29.08 14.71
CA VAL A 102 -12.54 29.53 15.17
C VAL A 102 -11.65 30.10 14.07
N VAL A 103 -11.84 29.60 12.85
CA VAL A 103 -11.05 30.04 11.71
C VAL A 103 -11.91 29.99 10.46
N ARG A 104 -11.39 30.58 9.39
CA ARG A 104 -12.07 30.64 8.12
C ARG A 104 -11.21 31.33 7.06
N ILE A 105 -11.74 31.37 5.85
CA ILE A 105 -11.06 31.97 4.72
C ILE A 105 -12.05 32.67 3.78
N ASP A 106 -11.51 33.48 2.88
CA ASP A 106 -12.31 34.20 1.92
C ASP A 106 -12.73 33.29 0.78
N GLY A 107 -11.84 32.40 0.36
CA GLY A 107 -12.20 31.50 -0.73
C GLY A 107 -11.36 30.26 -0.93
N CYS A 108 -10.68 30.24 -2.07
CA CYS A 108 -9.81 29.15 -2.48
C CYS A 108 -9.51 29.45 -3.94
N LYS A 109 -8.28 29.16 -4.35
CA LYS A 109 -7.87 29.42 -5.72
C LYS A 109 -7.10 28.25 -6.28
N GLY A 110 -7.48 27.83 -7.49
CA GLY A 110 -6.83 26.71 -8.17
C GLY A 110 -5.58 27.10 -8.94
N VAL A 111 -4.61 26.21 -8.94
CA VAL A 111 -3.35 26.48 -9.63
C VAL A 111 -3.41 25.92 -11.06
N PRO A 112 -2.70 26.56 -12.00
CA PRO A 112 -2.71 26.08 -13.38
C PRO A 112 -2.46 24.58 -13.43
N GLN A 113 -3.34 23.87 -14.12
CA GLN A 113 -3.27 22.42 -14.24
C GLN A 113 -1.96 22.00 -14.87
N CYS A 114 -1.63 20.73 -14.71
CA CYS A 114 -0.39 20.13 -15.24
C CYS A 114 0.69 21.15 -15.56
N ASN A 115 0.99 21.96 -14.54
CA ASN A 115 2.01 23.00 -14.63
C ASN A 115 2.68 23.05 -13.26
N GLU A 116 3.83 22.39 -13.14
CA GLU A 116 4.54 22.37 -11.87
C GLU A 116 5.43 23.58 -11.70
N ASN A 117 5.89 24.12 -12.80
CA ASN A 117 6.76 25.29 -12.75
C ASN A 117 6.10 26.41 -11.94
N ALA A 118 4.77 26.55 -12.09
CA ALA A 118 3.99 27.58 -11.39
C ALA A 118 3.28 27.06 -10.13
N LEU A 119 3.35 25.76 -9.92
CA LEU A 119 2.76 25.12 -8.76
C LEU A 119 3.75 25.33 -7.63
N LYS A 120 5.01 25.48 -8.04
CA LYS A 120 6.11 25.70 -7.13
C LYS A 120 5.92 27.13 -6.63
N ASN A 121 5.12 27.90 -7.37
CA ASN A 121 4.85 29.28 -6.97
C ASN A 121 3.91 29.27 -5.77
N ALA A 122 2.74 28.68 -5.95
CA ALA A 122 1.76 28.60 -4.89
C ALA A 122 2.37 27.94 -3.65
N VAL A 123 3.00 26.78 -3.83
CA VAL A 123 3.65 26.08 -2.70
C VAL A 123 4.79 26.91 -2.09
N ALA A 124 5.19 27.97 -2.79
CA ALA A 124 6.25 28.86 -2.31
C ALA A 124 5.62 30.01 -1.50
N SER A 125 4.30 30.10 -1.59
CA SER A 125 3.57 31.15 -0.91
C SER A 125 2.78 30.55 0.25
N GLN A 126 2.39 29.28 0.10
CA GLN A 126 1.58 28.60 1.12
C GLN A 126 1.29 27.17 0.70
N PRO A 127 1.13 26.26 1.67
CA PRO A 127 0.83 24.85 1.35
C PRO A 127 -0.36 24.72 0.38
N SER A 128 -0.24 23.90 -0.65
CA SER A 128 -1.34 23.71 -1.62
C SER A 128 -1.80 22.26 -1.57
N VAL A 129 -3.10 22.02 -1.49
CA VAL A 129 -3.54 20.63 -1.46
C VAL A 129 -3.55 20.08 -2.88
N VAL A 130 -3.24 18.79 -3.02
CA VAL A 130 -3.23 18.14 -4.32
C VAL A 130 -3.85 16.76 -4.23
N ALA A 131 -3.99 16.12 -5.39
CA ALA A 131 -4.54 14.79 -5.50
C ALA A 131 -3.48 13.97 -6.23
N ILE A 132 -3.47 12.67 -5.95
CA ILE A 132 -2.49 11.76 -6.55
C ILE A 132 -3.07 10.36 -6.73
N ASP A 133 -2.24 9.45 -7.23
CA ASP A 133 -2.63 8.05 -7.45
C ASP A 133 -1.99 7.18 -6.34
N ALA A 134 -2.40 7.43 -5.10
CA ALA A 134 -1.84 6.71 -3.96
C ALA A 134 -2.41 5.30 -3.71
N SER A 135 -2.38 4.45 -4.73
CA SER A 135 -2.86 3.05 -4.64
C SER A 135 -1.78 2.05 -5.07
N SER A 136 -0.68 2.53 -5.65
CA SER A 136 0.38 1.66 -6.10
C SER A 136 1.01 0.99 -4.88
N LYS A 137 1.76 -0.09 -5.12
CA LYS A 137 2.43 -0.82 -4.03
C LYS A 137 3.62 -0.03 -3.50
N GLN A 138 4.48 0.41 -4.40
CA GLN A 138 5.67 1.18 -4.01
C GLN A 138 5.29 2.49 -3.35
N PHE A 139 4.19 3.07 -3.81
CA PHE A 139 3.75 4.29 -3.21
C PHE A 139 3.31 3.94 -1.80
N GLN A 140 2.31 3.07 -1.69
CA GLN A 140 1.79 2.66 -0.39
C GLN A 140 2.86 2.07 0.50
N HIS A 141 3.91 1.55 -0.14
CA HIS A 141 5.05 0.95 0.56
C HIS A 141 6.27 1.82 0.39
N TYR A 142 6.13 3.12 0.54
CA TYR A 142 7.30 3.96 0.42
C TYR A 142 7.68 4.10 1.86
N LYS A 143 8.95 4.43 2.08
CA LYS A 143 9.45 4.63 3.43
C LYS A 143 10.40 5.80 3.43
N GLY A 144 11.59 5.61 2.91
CA GLY A 144 12.56 6.71 2.89
C GLY A 144 12.96 7.20 1.52
N GLY A 145 14.07 7.93 1.47
CA GLY A 145 14.57 8.45 0.22
C GLY A 145 13.56 9.22 -0.60
N ILE A 146 13.98 9.66 -1.80
CA ILE A 146 13.13 10.41 -2.72
C ILE A 146 12.37 9.49 -3.66
N PHE A 147 11.05 9.41 -3.47
CA PHE A 147 10.21 8.53 -4.27
C PHE A 147 10.01 8.82 -5.74
N THR A 148 10.55 7.96 -6.59
CA THR A 148 10.39 8.13 -8.03
C THR A 148 9.30 7.13 -8.41
N GLY A 149 9.49 5.88 -7.95
CA GLY A 149 8.59 4.77 -8.19
C GLY A 149 7.44 4.80 -9.18
N PRO A 150 6.75 3.67 -9.30
CA PRO A 150 5.61 3.45 -10.19
C PRO A 150 4.28 4.03 -9.69
N CYS A 151 3.48 4.53 -10.62
CA CYS A 151 2.17 5.09 -10.32
C CYS A 151 1.62 5.82 -11.54
N GLY A 152 0.42 5.44 -11.95
CA GLY A 152 -0.18 6.12 -13.09
C GLY A 152 -1.07 7.21 -12.54
N THR A 153 -1.18 8.34 -13.23
CA THR A 153 -2.02 9.43 -12.77
C THR A 153 -3.39 8.87 -12.37
N LYS A 154 -4.45 9.66 -12.52
CA LYS A 154 -5.75 9.17 -12.11
C LYS A 154 -5.67 9.20 -10.57
N LEU A 155 -5.88 10.41 -10.08
CA LEU A 155 -5.85 10.74 -8.67
C LEU A 155 -6.87 9.93 -7.87
N ASN A 156 -6.57 9.67 -6.60
CA ASN A 156 -7.47 8.93 -5.72
C ASN A 156 -7.27 9.36 -4.27
N HIS A 157 -6.16 10.06 -4.00
CA HIS A 157 -5.85 10.51 -2.66
C HIS A 157 -5.55 12.00 -2.60
N GLY A 158 -5.78 12.61 -1.44
CA GLY A 158 -5.51 14.03 -1.30
C GLY A 158 -4.51 14.32 -0.19
N VAL A 159 -3.58 15.22 -0.45
CA VAL A 159 -2.55 15.57 0.53
C VAL A 159 -2.15 17.03 0.43
N VAL A 160 -1.06 17.39 1.13
CA VAL A 160 -0.60 18.77 1.14
C VAL A 160 0.89 18.96 0.85
N ILE A 161 1.19 19.75 -0.18
CA ILE A 161 2.57 20.05 -0.53
C ILE A 161 2.98 21.17 0.42
N VAL A 162 3.91 20.88 1.31
CA VAL A 162 4.33 21.88 2.27
C VAL A 162 5.70 22.45 1.97
N GLY A 163 6.33 21.96 0.91
CA GLY A 163 7.66 22.43 0.54
C GLY A 163 8.20 21.78 -0.73
N TYR A 164 9.48 21.99 -1.01
CA TYR A 164 10.06 21.44 -2.21
C TYR A 164 11.57 21.60 -2.28
N GLY A 165 12.15 21.11 -3.37
CA GLY A 165 13.59 21.19 -3.57
C GLY A 165 13.98 21.14 -5.05
N LYS A 166 15.28 21.26 -5.30
CA LYS A 166 15.82 21.26 -6.67
C LYS A 166 15.33 20.13 -7.56
N ASP A 167 14.64 19.15 -7.00
CA ASP A 167 14.22 18.02 -7.81
C ASP A 167 13.18 17.15 -7.15
N TYR A 168 12.55 17.66 -6.10
CA TYR A 168 11.57 16.88 -5.36
C TYR A 168 10.58 17.74 -4.57
N TRP A 169 9.51 17.10 -4.12
CA TRP A 169 8.47 17.75 -3.36
C TRP A 169 8.48 17.26 -1.92
N ILE A 170 7.80 18.00 -1.04
CA ILE A 170 7.69 17.62 0.37
C ILE A 170 6.19 17.46 0.59
N VAL A 171 5.69 16.28 0.29
CA VAL A 171 4.26 15.99 0.39
C VAL A 171 3.79 15.62 1.81
N ARG A 172 2.61 16.09 2.18
CA ARG A 172 2.09 15.78 3.50
C ARG A 172 0.89 14.86 3.40
N ASN A 173 1.05 13.63 3.90
CA ASN A 173 -0.01 12.62 3.87
C ASN A 173 -0.81 12.67 5.16
N SER A 174 -1.48 11.59 5.52
CA SER A 174 -2.27 11.54 6.75
C SER A 174 -2.45 10.10 7.24
N TRP A 175 -1.33 9.38 7.27
CA TRP A 175 -1.33 7.98 7.70
C TRP A 175 -0.42 7.70 8.90
N GLY A 176 -0.31 8.67 9.81
CA GLY A 176 0.49 8.53 11.01
C GLY A 176 1.95 8.88 10.78
N ARG A 177 2.73 8.87 11.86
CA ARG A 177 4.16 9.20 11.77
C ARG A 177 4.97 7.96 11.36
N HIS A 178 4.30 6.82 11.39
CA HIS A 178 4.96 5.55 11.04
C HIS A 178 4.95 5.29 9.54
N TRP A 179 4.47 6.19 8.71
CA TRP A 179 4.51 5.93 7.28
C TRP A 179 5.53 6.83 6.65
N GLY A 180 6.12 6.38 5.55
CA GLY A 180 7.12 7.18 4.86
C GLY A 180 8.14 7.78 5.80
N GLU A 181 8.53 9.01 5.51
CA GLU A 181 9.51 9.72 6.31
C GLU A 181 8.88 10.57 7.42
N GLN A 182 8.51 9.89 8.51
CA GLN A 182 7.88 10.50 9.70
C GLN A 182 6.50 11.07 9.41
N GLY A 183 5.81 10.40 8.50
CA GLY A 183 4.48 10.79 8.07
C GLY A 183 4.52 11.44 6.70
N TYR A 184 5.69 11.91 6.31
CA TYR A 184 5.82 12.59 5.03
C TYR A 184 6.47 11.74 3.95
N THR A 185 6.41 12.24 2.72
CA THR A 185 6.97 11.56 1.57
C THR A 185 7.48 12.59 0.56
N ARG A 186 8.75 12.50 0.20
CA ARG A 186 9.34 13.40 -0.77
C ARG A 186 9.14 12.81 -2.15
N MET A 187 8.42 13.53 -2.99
CA MET A 187 8.13 13.09 -4.36
C MET A 187 8.89 13.94 -5.36
N LYS A 188 9.63 13.29 -6.25
CA LYS A 188 10.39 14.01 -7.25
C LYS A 188 9.58 15.14 -7.92
N ARG A 189 10.29 16.13 -8.44
CA ARG A 189 9.68 17.27 -9.11
C ARG A 189 9.81 17.26 -10.63
N VAL A 190 8.80 17.79 -11.29
CA VAL A 190 8.79 17.88 -12.74
C VAL A 190 8.54 16.52 -13.44
N GLY A 191 7.82 16.55 -14.56
CA GLY A 191 7.51 15.33 -15.30
C GLY A 191 6.40 15.52 -16.34
N GLY A 192 5.62 16.60 -16.19
CA GLY A 192 4.52 16.89 -17.12
C GLY A 192 3.23 17.24 -16.36
N CYS A 193 2.46 16.22 -16.06
CA CYS A 193 1.24 16.39 -15.29
C CYS A 193 1.61 15.99 -13.86
N GLY A 194 2.90 15.71 -13.66
CA GLY A 194 3.45 15.34 -12.36
C GLY A 194 3.58 13.85 -12.04
N LEU A 195 4.34 13.56 -10.98
CA LEU A 195 4.55 12.18 -10.50
C LEU A 195 3.24 11.76 -9.82
N CYS A 196 2.64 10.66 -10.28
CA CYS A 196 1.36 10.20 -9.74
C CYS A 196 0.35 11.34 -9.97
N GLY A 197 0.60 12.08 -11.06
CA GLY A 197 -0.24 13.20 -11.48
C GLY A 197 -0.31 14.43 -10.59
N ILE A 198 0.61 14.55 -9.63
CA ILE A 198 0.62 15.66 -8.69
C ILE A 198 0.15 17.04 -9.15
N ALA A 199 0.43 17.40 -10.39
CA ALA A 199 0.05 18.73 -10.86
C ALA A 199 -1.28 18.80 -11.59
N ARG A 200 -2.10 17.77 -11.44
CA ARG A 200 -3.37 17.76 -12.13
C ARG A 200 -4.49 18.55 -11.43
N LEU A 201 -4.61 18.43 -10.11
CA LEU A 201 -5.66 19.18 -9.43
C LEU A 201 -5.10 19.89 -8.19
N PRO A 202 -4.39 21.01 -8.40
CA PRO A 202 -3.79 21.80 -7.33
C PRO A 202 -4.81 22.81 -6.79
N PHE A 203 -4.65 23.17 -5.52
CA PHE A 203 -5.56 24.08 -4.86
C PHE A 203 -5.06 24.48 -3.49
N TYR A 204 -5.42 25.70 -3.08
CA TYR A 204 -5.07 26.25 -1.77
C TYR A 204 -6.05 27.33 -1.34
N PRO A 205 -6.32 27.45 -0.02
CA PRO A 205 -7.23 28.42 0.58
C PRO A 205 -6.56 29.78 0.62
N THR A 206 -7.36 30.84 0.61
CA THR A 206 -6.85 32.21 0.63
C THR A 206 -7.34 32.87 1.91
N LYS A 207 -6.87 34.08 2.18
CA LYS A 207 -7.26 34.82 3.39
C LYS A 207 -7.02 36.34 3.27
N ALA A 208 -7.78 37.12 4.01
CA ALA A 208 -7.66 38.59 3.97
C ALA A 208 -6.76 39.10 5.09
N UNK A 209 -6.63 40.43 5.17
CA UNK A 209 -5.81 41.13 6.18
C UNK A 209 -4.83 42.14 5.57
N LEU B 1 -2.21 -32.96 15.91
CA LEU B 1 -1.66 -31.71 15.29
C LEU B 1 -0.90 -30.79 16.27
N PRO B 2 0.25 -30.26 15.83
CA PRO B 2 1.12 -29.38 16.61
C PRO B 2 0.43 -28.02 16.73
N GLU B 3 0.67 -27.33 17.84
CA GLU B 3 0.05 -26.05 18.03
C GLU B 3 0.74 -24.97 17.23
N HIS B 4 2.05 -25.13 17.06
CA HIS B 4 2.87 -24.16 16.34
C HIS B 4 3.87 -24.81 15.39
N VAL B 5 4.02 -24.24 14.20
CA VAL B 5 4.96 -24.74 13.18
C VAL B 5 5.57 -23.57 12.39
N ASP B 6 6.90 -23.56 12.29
CA ASP B 6 7.66 -22.52 11.58
C ASP B 6 8.68 -23.16 10.65
N TRP B 7 8.27 -23.42 9.41
CA TRP B 7 9.12 -24.04 8.39
C TRP B 7 10.40 -23.25 8.11
N ARG B 8 10.43 -22.01 8.57
CA ARG B 8 11.58 -21.14 8.35
C ARG B 8 12.67 -21.50 9.33
N ALA B 9 12.35 -22.39 10.25
CA ALA B 9 13.32 -22.81 11.26
C ALA B 9 13.81 -24.19 10.84
N LYS B 10 12.98 -24.89 10.08
CA LYS B 10 13.32 -26.21 9.61
C LYS B 10 14.22 -26.08 8.41
N GLY B 11 14.68 -24.87 8.15
CA GLY B 11 15.56 -24.62 7.02
C GLY B 11 14.94 -24.87 5.67
N ALA B 12 13.61 -24.98 5.62
CA ALA B 12 12.93 -25.26 4.36
C ALA B 12 12.53 -24.02 3.57
N VAL B 13 12.79 -22.84 4.11
CA VAL B 13 12.42 -21.67 3.35
C VAL B 13 13.58 -20.76 3.05
N ILE B 14 13.71 -20.42 1.77
CA ILE B 14 14.75 -19.54 1.23
C ILE B 14 14.47 -18.19 1.83
N PRO B 15 15.47 -17.28 1.90
CA PRO B 15 15.15 -15.97 2.47
C PRO B 15 14.09 -15.28 1.59
N LEU B 16 13.60 -14.12 2.02
CA LEU B 16 12.60 -13.40 1.26
C LEU B 16 13.09 -12.76 -0.01
N LYS B 17 12.22 -12.71 -1.01
CA LYS B 17 12.55 -12.11 -2.30
C LYS B 17 11.85 -10.77 -2.51
N ASN B 18 11.76 -10.34 -3.77
CA ASN B 18 11.16 -9.06 -4.10
C ASN B 18 10.80 -9.09 -5.57
N GLN B 19 9.52 -9.26 -5.85
CA GLN B 19 9.05 -9.33 -7.22
C GLN B 19 9.25 -8.01 -7.94
N GLY B 20 9.41 -6.95 -7.16
CA GLY B 20 9.62 -5.64 -7.73
C GLY B 20 8.42 -5.05 -8.40
N LYS B 21 8.67 -4.19 -9.37
CA LYS B 21 7.61 -3.51 -10.12
C LYS B 21 7.09 -4.36 -11.27
N CYS B 22 6.61 -5.57 -10.95
CA CYS B 22 6.06 -6.49 -11.96
C CYS B 22 4.99 -7.42 -11.37
N GLY B 23 3.86 -7.52 -12.08
CA GLY B 23 2.74 -8.32 -11.64
C GLY B 23 2.93 -9.81 -11.82
N SER B 24 3.94 -10.36 -11.15
CA SER B 24 4.28 -11.78 -11.24
C SER B 24 4.09 -12.48 -9.90
N CYS B 25 3.22 -11.95 -9.04
CA CYS B 25 3.01 -12.55 -7.72
C CYS B 25 2.76 -14.03 -7.77
N TRP B 26 2.06 -14.46 -8.83
CA TRP B 26 1.74 -15.87 -9.02
C TRP B 26 3.03 -16.68 -9.19
N ALA B 27 4.05 -16.03 -9.76
CA ALA B 27 5.34 -16.66 -10.00
C ALA B 27 6.05 -16.99 -8.70
N PHE B 28 6.33 -15.96 -7.92
CA PHE B 28 7.03 -16.11 -6.64
C PHE B 28 6.34 -16.99 -5.61
N SER B 29 5.03 -16.86 -5.51
CA SER B 29 4.29 -17.64 -4.53
C SER B 29 4.15 -19.11 -4.88
N THR B 30 4.03 -19.42 -6.16
CA THR B 30 3.88 -20.79 -6.57
C THR B 30 5.24 -21.47 -6.63
N VAL B 31 6.28 -20.70 -6.95
CA VAL B 31 7.62 -21.24 -7.07
C VAL B 31 8.30 -21.55 -5.74
N THR B 32 8.00 -20.75 -4.73
CA THR B 32 8.59 -20.92 -3.41
C THR B 32 8.15 -22.23 -2.75
N THR B 33 6.84 -22.52 -2.78
CA THR B 33 6.29 -23.72 -2.20
C THR B 33 6.86 -24.98 -2.87
N VAL B 34 7.41 -24.79 -4.06
CA VAL B 34 8.03 -25.89 -4.79
C VAL B 34 9.47 -25.94 -4.25
N GLU B 35 10.03 -24.77 -3.96
CA GLU B 35 11.38 -24.67 -3.41
C GLU B 35 11.40 -25.42 -2.09
N SER B 36 10.32 -25.31 -1.34
CA SER B 36 10.18 -25.97 -0.03
C SER B 36 9.93 -27.47 -0.07
N ILE B 37 8.92 -27.92 -0.83
CA ILE B 37 8.62 -29.35 -0.92
C ILE B 37 9.84 -30.14 -1.41
N ASN B 38 10.79 -29.42 -2.00
CA ASN B 38 12.00 -30.04 -2.51
C ASN B 38 13.06 -30.11 -1.43
N GLN B 39 13.05 -29.16 -0.48
CA GLN B 39 14.03 -29.19 0.59
C GLN B 39 13.53 -30.27 1.52
N ILE B 40 12.24 -30.22 1.81
CA ILE B 40 11.66 -31.19 2.72
C ILE B 40 12.06 -32.58 2.25
N ARG B 41 11.69 -32.89 1.01
CA ARG B 41 11.99 -34.16 0.40
C ARG B 41 13.50 -34.40 0.39
N THR B 42 14.15 -33.88 -0.65
CA THR B 42 15.58 -34.04 -0.85
C THR B 42 16.50 -33.42 0.20
N GLY B 43 16.00 -32.50 1.00
CA GLY B 43 16.84 -31.91 2.02
C GLY B 43 17.78 -30.85 1.49
N ASN B 44 17.64 -30.54 0.20
CA ASN B 44 18.47 -29.51 -0.41
C ASN B 44 17.62 -28.33 -0.80
N LEU B 45 17.95 -27.16 -0.25
CA LEU B 45 17.18 -25.95 -0.52
C LEU B 45 17.73 -25.04 -1.61
N ILE B 46 17.18 -25.23 -2.82
CA ILE B 46 17.57 -24.45 -3.99
C ILE B 46 16.51 -23.38 -4.34
N SER B 47 17.00 -22.16 -4.55
CA SER B 47 16.17 -21.01 -4.92
C SER B 47 15.92 -21.15 -6.43
N LEU B 48 14.65 -21.33 -6.80
CA LEU B 48 14.27 -21.53 -8.20
C LEU B 48 13.87 -20.28 -8.98
N SER B 49 13.98 -20.39 -10.30
CA SER B 49 13.69 -19.32 -11.24
C SER B 49 12.23 -18.89 -11.39
N GLU B 50 11.98 -17.64 -11.01
CA GLU B 50 10.66 -17.06 -11.11
C GLU B 50 10.56 -16.51 -12.52
N GLN B 51 11.72 -16.11 -13.05
CA GLN B 51 11.80 -15.54 -14.38
C GLN B 51 11.48 -16.55 -15.47
N GLN B 52 11.82 -17.83 -15.24
CA GLN B 52 11.52 -18.84 -16.24
C GLN B 52 10.01 -18.90 -16.38
N LEU B 53 9.31 -18.66 -15.26
CA LEU B 53 7.84 -18.69 -15.23
C LEU B 53 7.19 -17.52 -15.97
N VAL B 54 7.75 -16.34 -15.81
CA VAL B 54 7.20 -15.18 -16.49
C VAL B 54 7.46 -15.38 -17.97
N ASP B 55 8.68 -15.81 -18.29
CA ASP B 55 9.11 -16.06 -19.66
C ASP B 55 8.39 -17.15 -20.41
N CYS B 56 8.18 -18.29 -19.76
CA CYS B 56 7.56 -19.42 -20.45
C CYS B 56 6.09 -19.80 -20.18
N SER B 57 5.56 -19.53 -18.99
CA SER B 57 4.16 -19.88 -18.73
C SER B 57 3.26 -18.91 -19.46
N LYS B 58 3.26 -19.05 -20.77
CA LYS B 58 2.48 -18.22 -21.67
C LYS B 58 1.00 -18.22 -21.29
N LYS B 59 0.53 -19.34 -20.72
CA LYS B 59 -0.87 -19.44 -20.31
C LYS B 59 -1.18 -18.35 -19.29
N ASN B 60 -0.16 -17.94 -18.55
CA ASN B 60 -0.30 -16.87 -17.56
C ASN B 60 0.03 -15.58 -18.33
N HIS B 61 0.42 -14.52 -17.64
CA HIS B 61 0.67 -13.27 -18.37
C HIS B 61 1.88 -12.50 -17.88
N GLY B 62 2.75 -13.18 -17.15
CA GLY B 62 3.96 -12.54 -16.65
C GLY B 62 3.73 -11.33 -15.79
N CYS B 63 4.20 -10.17 -16.23
CA CYS B 63 4.04 -8.96 -15.42
C CYS B 63 2.60 -8.47 -15.40
N LYS B 64 1.67 -9.32 -15.80
CA LYS B 64 0.26 -8.91 -15.79
C LYS B 64 -0.61 -9.98 -15.11
N GLY B 65 -0.11 -10.55 -14.02
CA GLY B 65 -0.87 -11.53 -13.28
C GLY B 65 -0.96 -12.95 -13.81
N GLY B 66 -1.50 -13.83 -12.97
CA GLY B 66 -1.65 -15.23 -13.32
C GLY B 66 -2.43 -16.01 -12.27
N TYR B 67 -2.37 -17.33 -12.38
CA TYR B 67 -3.07 -18.21 -11.46
C TYR B 67 -2.12 -19.29 -10.95
N PHE B 68 -2.47 -19.91 -9.83
CA PHE B 68 -1.65 -20.98 -9.28
C PHE B 68 -1.72 -22.22 -10.18
N ASP B 69 -2.91 -22.45 -10.73
CA ASP B 69 -3.22 -23.59 -11.59
C ASP B 69 -2.30 -23.76 -12.81
N ARG B 70 -2.27 -22.73 -13.64
CA ARG B 70 -1.45 -22.75 -14.83
C ARG B 70 0.04 -22.64 -14.49
N ALA B 71 0.35 -22.11 -13.30
CA ALA B 71 1.73 -21.95 -12.81
C ALA B 71 2.25 -23.29 -12.37
N TYR B 72 1.46 -24.02 -11.58
CA TYR B 72 1.87 -25.36 -11.14
C TYR B 72 2.02 -26.24 -12.37
N GLN B 73 0.90 -26.60 -12.98
CA GLN B 73 0.86 -27.47 -14.15
C GLN B 73 1.95 -27.23 -15.17
N TYR B 74 2.28 -25.96 -15.36
CA TYR B 74 3.33 -25.60 -16.29
C TYR B 74 4.63 -26.29 -15.94
N ILE B 75 5.01 -26.20 -14.67
CA ILE B 75 6.25 -26.77 -14.17
C ILE B 75 6.25 -28.30 -14.13
N ILE B 76 5.05 -28.87 -14.17
CA ILE B 76 4.88 -30.32 -14.15
C ILE B 76 4.96 -30.84 -15.56
N ALA B 77 4.33 -30.16 -16.50
CA ALA B 77 4.38 -30.59 -17.89
C ALA B 77 5.73 -30.28 -18.51
N ASN B 78 6.45 -29.30 -17.94
CA ASN B 78 7.77 -28.93 -18.46
C ASN B 78 8.87 -29.82 -17.89
N GLY B 79 8.52 -30.66 -16.91
CA GLY B 79 9.51 -31.57 -16.34
C GLY B 79 10.44 -31.00 -15.28
N GLY B 80 10.22 -29.75 -14.90
CA GLY B 80 11.07 -29.15 -13.89
C GLY B 80 11.27 -27.65 -14.05
N ILE B 81 12.12 -27.10 -13.20
CA ILE B 81 12.39 -25.68 -13.25
C ILE B 81 13.86 -25.41 -13.02
N ASP B 82 14.35 -24.31 -13.60
CA ASP B 82 15.75 -23.91 -13.47
C ASP B 82 15.89 -23.07 -12.23
N THR B 83 17.14 -22.92 -11.79
CA THR B 83 17.48 -22.18 -10.59
C THR B 83 17.52 -20.68 -10.78
N GLU B 84 17.56 -19.95 -9.68
CA GLU B 84 17.65 -18.50 -9.77
C GLU B 84 18.99 -18.13 -10.41
N ALA B 85 20.08 -18.64 -9.86
CA ALA B 85 21.42 -18.35 -10.38
C ALA B 85 21.40 -18.45 -11.89
N ASN B 86 21.23 -19.67 -12.40
CA ASN B 86 21.20 -19.90 -13.84
C ASN B 86 20.23 -18.94 -14.54
N TYR B 87 18.97 -18.92 -14.12
CA TYR B 87 17.97 -18.06 -14.74
C TYR B 87 17.53 -16.93 -13.78
N PRO B 88 18.33 -15.87 -13.73
CA PRO B 88 18.03 -14.75 -12.85
C PRO B 88 16.70 -14.11 -13.21
N TYR B 89 16.16 -13.38 -12.24
CA TYR B 89 14.91 -12.65 -12.37
C TYR B 89 15.35 -11.24 -12.75
N LYS B 90 14.76 -10.68 -13.81
CA LYS B 90 15.11 -9.32 -14.26
C LYS B 90 13.95 -8.35 -14.05
N ALA B 91 12.78 -8.90 -13.71
CA ALA B 91 11.56 -8.13 -13.44
C ALA B 91 10.82 -7.65 -14.69
N PHE B 92 11.10 -8.30 -15.82
CA PHE B 92 10.45 -7.95 -17.07
C PHE B 92 10.38 -9.19 -17.96
N GLN B 93 9.36 -9.27 -18.81
CA GLN B 93 9.22 -10.46 -19.64
C GLN B 93 10.01 -10.46 -20.95
N GLY B 94 10.42 -11.66 -21.36
CA GLY B 94 11.18 -11.79 -22.59
C GLY B 94 11.15 -13.15 -23.25
N PRO B 95 12.14 -13.45 -24.11
CA PRO B 95 12.24 -14.73 -24.81
C PRO B 95 12.53 -15.92 -23.88
N CYS B 96 11.61 -16.89 -23.88
CA CYS B 96 11.69 -18.09 -23.07
C CYS B 96 12.96 -18.89 -23.44
N ARG B 97 13.99 -18.79 -22.60
CA ARG B 97 15.28 -19.45 -22.76
C ARG B 97 15.24 -20.97 -22.87
N ALA B 98 16.40 -21.60 -22.72
CA ALA B 98 16.53 -23.07 -22.77
C ALA B 98 17.25 -23.57 -21.49
N ALA B 99 16.53 -23.49 -20.37
CA ALA B 99 17.02 -23.87 -19.06
C ALA B 99 16.88 -25.35 -18.73
N LYS B 100 17.33 -25.73 -17.53
CA LYS B 100 17.28 -27.13 -17.10
C LYS B 100 16.32 -27.47 -15.98
N LYS B 101 16.06 -28.77 -15.86
CA LYS B 101 15.13 -29.29 -14.84
C LYS B 101 15.88 -29.56 -13.54
N VAL B 102 16.15 -28.50 -12.81
CA VAL B 102 16.85 -28.60 -11.55
C VAL B 102 15.95 -29.18 -10.45
N VAL B 103 14.67 -28.79 -10.44
CA VAL B 103 13.71 -29.30 -9.47
C VAL B 103 12.42 -29.71 -10.15
N ARG B 104 11.92 -30.89 -9.78
CA ARG B 104 10.72 -31.47 -10.39
C ARG B 104 9.67 -31.93 -9.37
N ILE B 105 8.42 -32.00 -9.82
CA ILE B 105 7.29 -32.45 -8.99
C ILE B 105 6.31 -33.24 -9.87
N ASP B 106 5.36 -33.93 -9.23
CA ASP B 106 4.39 -34.73 -9.97
C ASP B 106 2.97 -34.15 -9.98
N GLY B 107 2.66 -33.30 -9.02
CA GLY B 107 1.34 -32.72 -8.99
C GLY B 107 1.21 -31.69 -7.91
N CYS B 108 -0.02 -31.26 -7.66
CA CYS B 108 -0.31 -30.29 -6.62
C CYS B 108 -1.77 -30.51 -6.29
N LYS B 109 -2.14 -30.14 -5.07
CA LYS B 109 -3.50 -30.32 -4.61
C LYS B 109 -4.12 -29.08 -3.99
N GLY B 110 -5.44 -28.95 -4.19
CA GLY B 110 -6.20 -27.86 -3.64
C GLY B 110 -6.79 -28.31 -2.32
N VAL B 111 -6.59 -27.49 -1.29
CA VAL B 111 -7.10 -27.78 0.04
C VAL B 111 -8.58 -27.39 0.04
N PRO B 112 -9.39 -28.01 0.93
CA PRO B 112 -10.81 -27.68 0.99
C PRO B 112 -11.03 -26.16 1.14
N GLN B 113 -11.91 -25.62 0.29
CA GLN B 113 -12.24 -24.19 0.27
C GLN B 113 -12.80 -23.68 1.60
N CYS B 114 -12.58 -22.38 1.86
CA CYS B 114 -13.07 -21.71 3.07
C CYS B 114 -13.18 -22.68 4.24
N ASN B 115 -12.03 -23.25 4.61
CA ASN B 115 -11.97 -24.24 5.68
C ASN B 115 -10.57 -24.20 6.30
N GLU B 116 -10.36 -23.29 7.27
CA GLU B 116 -9.06 -23.13 7.92
C GLU B 116 -8.52 -24.30 8.75
N ASN B 117 -9.39 -25.11 9.34
CA ASN B 117 -8.88 -26.25 10.13
C ASN B 117 -8.11 -27.17 9.17
N ALA B 118 -8.60 -27.25 7.93
CA ALA B 118 -8.01 -28.07 6.86
C ALA B 118 -6.77 -27.41 6.27
N LEU B 119 -6.79 -26.09 6.23
CA LEU B 119 -5.67 -25.33 5.73
C LEU B 119 -4.55 -25.45 6.77
N LYS B 120 -4.93 -25.71 8.01
CA LYS B 120 -3.97 -25.89 9.09
C LYS B 120 -3.32 -27.24 8.91
N ASN B 121 -4.03 -28.12 8.20
CA ASN B 121 -3.54 -29.46 7.90
C ASN B 121 -2.38 -29.32 6.93
N ALA B 122 -2.70 -28.82 5.73
CA ALA B 122 -1.73 -28.63 4.66
C ALA B 122 -0.48 -27.91 5.12
N VAL B 123 -0.67 -26.72 5.69
CA VAL B 123 0.41 -25.87 6.19
C VAL B 123 1.30 -26.64 7.17
N ALA B 124 0.71 -27.58 7.88
CA ALA B 124 1.46 -28.38 8.84
C ALA B 124 2.23 -29.45 8.07
N SER B 125 1.72 -29.75 6.88
CA SER B 125 2.33 -30.74 6.00
C SER B 125 3.49 -30.12 5.22
N GLN B 126 3.27 -28.90 4.74
CA GLN B 126 4.28 -28.15 3.98
C GLN B 126 3.65 -26.81 3.59
N PRO B 127 4.49 -25.79 3.30
CA PRO B 127 3.98 -24.47 2.92
C PRO B 127 2.98 -24.56 1.77
N SER B 128 1.90 -23.77 1.87
CA SER B 128 0.86 -23.78 0.84
C SER B 128 0.73 -22.36 0.28
N VAL B 129 0.36 -22.24 -0.98
CA VAL B 129 0.19 -20.91 -1.55
C VAL B 129 -1.25 -20.51 -1.35
N VAL B 130 -1.47 -19.24 -1.06
CA VAL B 130 -2.82 -18.72 -0.85
C VAL B 130 -3.01 -17.40 -1.56
N ALA B 131 -4.27 -17.10 -1.86
CA ALA B 131 -4.68 -15.88 -2.53
C ALA B 131 -5.26 -14.96 -1.47
N ILE B 132 -4.99 -13.66 -1.58
CA ILE B 132 -5.52 -12.70 -0.63
C ILE B 132 -5.89 -11.37 -1.26
N ASP B 133 -6.50 -10.51 -0.45
CA ASP B 133 -6.92 -9.16 -0.82
C ASP B 133 -5.77 -8.34 -0.19
N ALA B 134 -4.77 -7.99 -1.01
CA ALA B 134 -3.63 -7.22 -0.53
C ALA B 134 -3.57 -5.88 -1.25
N SER B 135 -4.73 -5.27 -1.38
CA SER B 135 -4.86 -3.97 -2.03
C SER B 135 -5.12 -2.92 -0.98
N SER B 136 -5.69 -3.33 0.16
CA SER B 136 -6.00 -2.42 1.25
C SER B 136 -4.78 -1.57 1.60
N LYS B 137 -5.02 -0.36 2.06
CA LYS B 137 -3.92 0.48 2.45
C LYS B 137 -3.36 -0.09 3.73
N GLN B 138 -4.20 -0.66 4.57
CA GLN B 138 -3.74 -1.22 5.82
C GLN B 138 -2.81 -2.37 5.61
N PHE B 139 -3.28 -3.37 4.87
CA PHE B 139 -2.44 -4.50 4.59
C PHE B 139 -1.18 -4.00 3.90
N GLN B 140 -1.35 -3.13 2.92
CA GLN B 140 -0.22 -2.57 2.19
C GLN B 140 0.67 -1.74 3.11
N HIS B 141 0.11 -1.33 4.26
CA HIS B 141 0.84 -0.53 5.25
C HIS B 141 1.31 -1.33 6.44
N TYR B 142 0.86 -2.58 6.53
CA TYR B 142 1.21 -3.45 7.63
C TYR B 142 2.65 -3.22 8.04
N LYS B 143 2.84 -3.07 9.35
CA LYS B 143 4.18 -2.81 9.89
C LYS B 143 4.70 -3.96 10.75
N GLY B 144 4.18 -4.08 11.96
CA GLY B 144 4.61 -5.15 12.83
C GLY B 144 3.41 -5.66 13.61
N GLY B 145 3.60 -6.76 14.32
CA GLY B 145 2.52 -7.32 15.12
C GLY B 145 1.65 -8.26 14.31
N ILE B 146 0.53 -8.71 14.88
CA ILE B 146 -0.39 -9.60 14.19
C ILE B 146 -1.46 -8.79 13.49
N PHE B 147 -1.66 -9.05 12.21
CA PHE B 147 -2.65 -8.29 11.45
C PHE B 147 -4.09 -8.62 11.82
N THR B 148 -5.00 -8.19 10.94
CA THR B 148 -6.45 -8.36 11.03
C THR B 148 -7.05 -7.17 10.27
N GLY B 149 -6.64 -5.97 10.63
CA GLY B 149 -7.12 -4.74 9.99
C GLY B 149 -8.21 -4.86 8.94
N PRO B 150 -8.28 -3.90 8.00
CA PRO B 150 -9.27 -3.90 6.92
C PRO B 150 -8.84 -4.68 5.69
N CYS B 151 -9.80 -5.22 4.94
CA CYS B 151 -9.51 -6.01 3.71
C CYS B 151 -10.62 -6.99 3.31
N GLY B 152 -11.22 -6.78 2.16
CA GLY B 152 -12.26 -7.67 1.71
C GLY B 152 -11.73 -9.07 1.46
N THR B 153 -12.52 -9.81 0.70
CA THR B 153 -12.22 -11.17 0.33
C THR B 153 -12.35 -11.13 -1.18
N LYS B 154 -11.30 -10.66 -1.84
CA LYS B 154 -11.26 -10.54 -3.29
C LYS B 154 -9.81 -10.70 -3.69
N LEU B 155 -9.32 -11.92 -3.51
CA LEU B 155 -7.97 -12.32 -3.81
C LEU B 155 -7.35 -11.65 -5.03
N ASN B 156 -6.30 -10.85 -4.82
CA ASN B 156 -5.61 -10.19 -5.92
C ASN B 156 -4.11 -10.46 -5.85
N HIS B 157 -3.68 -11.08 -4.75
CA HIS B 157 -2.26 -11.38 -4.57
C HIS B 157 -1.99 -12.81 -4.05
N GLY B 158 -0.88 -13.39 -4.48
CA GLY B 158 -0.52 -14.74 -4.05
C GLY B 158 0.64 -14.78 -3.06
N VAL B 159 0.44 -15.48 -1.95
CA VAL B 159 1.47 -15.58 -0.91
C VAL B 159 1.59 -17.01 -0.45
N VAL B 160 2.43 -17.23 0.56
CA VAL B 160 2.67 -18.58 1.06
C VAL B 160 2.59 -18.70 2.57
N ILE B 161 1.76 -19.60 3.07
CA ILE B 161 1.68 -19.77 4.52
C ILE B 161 2.83 -20.72 4.86
N VAL B 162 3.73 -20.25 5.71
CA VAL B 162 4.89 -21.05 6.10
C VAL B 162 4.70 -21.69 7.48
N GLY B 163 3.64 -21.27 8.18
CA GLY B 163 3.38 -21.81 9.51
C GLY B 163 2.23 -21.13 10.24
N TYR B 164 2.22 -21.22 11.57
CA TYR B 164 1.13 -20.62 12.33
C TYR B 164 1.30 -20.57 13.84
N GLY B 165 0.30 -19.97 14.51
CA GLY B 165 0.27 -19.83 15.97
C GLY B 165 -1.17 -19.73 16.48
N LYS B 166 -1.39 -20.03 17.76
CA LYS B 166 -2.72 -20.03 18.41
C LYS B 166 -3.83 -19.13 17.84
N ASP B 167 -3.44 -18.04 17.20
CA ASP B 167 -4.39 -17.12 16.59
C ASP B 167 -3.96 -16.72 15.18
N TYR B 168 -2.71 -17.02 14.83
CA TYR B 168 -2.22 -16.57 13.54
C TYR B 168 -1.69 -17.50 12.44
N TRP B 169 -1.28 -16.83 11.37
CA TRP B 169 -0.71 -17.42 10.18
C TRP B 169 0.60 -16.69 9.96
N ILE B 170 1.62 -17.40 9.49
CA ILE B 170 2.92 -16.79 9.19
C ILE B 170 3.05 -16.72 7.67
N VAL B 171 2.50 -15.66 7.09
CA VAL B 171 2.47 -15.49 5.64
C VAL B 171 3.71 -14.86 5.00
N ARG B 172 4.22 -15.51 3.97
CA ARG B 172 5.41 -15.06 3.27
C ARG B 172 5.05 -14.26 2.02
N ASN B 173 5.48 -13.01 1.96
CA ASN B 173 5.21 -12.17 0.78
C ASN B 173 6.39 -12.19 -0.20
N SER B 174 6.45 -11.19 -1.06
CA SER B 174 7.51 -11.08 -2.06
C SER B 174 7.83 -9.62 -2.35
N TRP B 175 7.70 -8.79 -1.31
CA TRP B 175 7.95 -7.36 -1.41
C TRP B 175 9.19 -6.94 -0.66
N GLY B 176 10.05 -7.91 -0.41
CA GLY B 176 11.29 -7.64 0.28
C GLY B 176 11.13 -7.75 1.77
N ARG B 177 12.25 -8.00 2.46
CA ARG B 177 12.27 -8.14 3.90
C ARG B 177 11.75 -6.87 4.61
N HIS B 178 12.40 -5.73 4.43
CA HIS B 178 11.97 -4.50 5.07
C HIS B 178 10.45 -4.40 5.26
N TRP B 179 9.69 -4.66 4.20
CA TRP B 179 8.23 -4.59 4.32
C TRP B 179 7.79 -5.47 5.47
N GLY B 180 6.74 -5.08 6.19
CA GLY B 180 6.26 -5.85 7.31
C GLY B 180 7.37 -6.25 8.26
N GLU B 181 7.30 -7.48 8.78
CA GLU B 181 8.31 -8.00 9.70
C GLU B 181 9.40 -8.79 8.98
N GLN B 182 10.25 -8.08 8.25
CA GLN B 182 11.35 -8.65 7.48
C GLN B 182 10.87 -9.49 6.28
N GLY B 183 9.78 -9.04 5.67
CA GLY B 183 9.20 -9.70 4.53
C GLY B 183 7.89 -10.34 4.89
N TYR B 184 7.82 -10.79 6.13
CA TYR B 184 6.65 -11.49 6.63
C TYR B 184 5.54 -10.63 7.22
N THR B 185 4.36 -11.24 7.35
CA THR B 185 3.18 -10.62 7.94
C THR B 185 2.29 -11.69 8.57
N ARG B 186 2.08 -11.57 9.88
CA ARG B 186 1.27 -12.51 10.65
C ARG B 186 -0.20 -12.09 10.64
N MET B 187 -1.02 -12.83 9.91
CA MET B 187 -2.43 -12.51 9.84
C MET B 187 -3.14 -13.34 10.87
N LYS B 188 -4.28 -12.83 11.34
CA LYS B 188 -5.05 -13.53 12.35
C LYS B 188 -5.89 -14.61 11.69
N ARG B 189 -6.37 -15.56 12.50
CA ARG B 189 -7.21 -16.65 12.00
C ARG B 189 -8.66 -16.37 12.42
N VAL B 190 -9.24 -15.33 11.79
CA VAL B 190 -10.61 -14.88 11.99
C VAL B 190 -11.61 -16.05 11.94
N GLY B 191 -12.27 -16.21 10.78
CA GLY B 191 -13.23 -17.30 10.63
C GLY B 191 -14.05 -17.25 9.35
N GLY B 192 -14.31 -18.42 8.77
CA GLY B 192 -15.09 -18.48 7.54
C GLY B 192 -14.17 -18.59 6.33
N CYS B 193 -14.17 -17.57 5.48
CA CYS B 193 -13.30 -17.58 4.32
C CYS B 193 -11.95 -16.93 4.65
N GLY B 194 -11.43 -17.17 5.85
CA GLY B 194 -10.15 -16.62 6.27
C GLY B 194 -10.03 -15.10 6.23
N LEU B 195 -9.14 -14.53 7.03
CA LEU B 195 -8.97 -13.08 7.02
C LEU B 195 -8.35 -12.67 5.67
N CYS B 196 -8.95 -11.66 5.07
CA CYS B 196 -8.54 -11.12 3.77
C CYS B 196 -8.76 -12.16 2.68
N GLY B 197 -9.51 -13.20 3.02
CA GLY B 197 -9.82 -14.26 2.09
C GLY B 197 -8.84 -15.42 2.04
N ILE B 198 -7.81 -15.37 2.89
CA ILE B 198 -6.77 -16.39 2.90
C ILE B 198 -7.20 -17.89 2.86
N ALA B 199 -8.47 -18.22 3.09
CA ALA B 199 -8.83 -19.63 3.05
C ALA B 199 -9.58 -20.02 1.80
N ARG B 200 -9.79 -19.04 0.92
CA ARG B 200 -10.53 -19.24 -0.32
C ARG B 200 -9.83 -20.13 -1.33
N LEU B 201 -8.68 -19.72 -1.83
CA LEU B 201 -7.98 -20.56 -2.80
C LEU B 201 -6.57 -20.89 -2.39
N PRO B 202 -6.44 -22.04 -1.68
CA PRO B 202 -5.18 -22.58 -1.17
C PRO B 202 -4.74 -23.83 -1.94
N PHE B 203 -3.52 -23.80 -2.47
CA PHE B 203 -2.98 -24.92 -3.22
C PHE B 203 -1.64 -25.28 -2.60
N TYR B 204 -1.08 -26.42 -3.02
CA TYR B 204 0.23 -26.86 -2.55
C TYR B 204 0.81 -27.97 -3.44
N PRO B 205 2.10 -27.84 -3.81
CA PRO B 205 2.85 -28.77 -4.65
C PRO B 205 3.24 -30.04 -3.94
N THR B 206 3.24 -31.13 -4.70
CA THR B 206 3.60 -32.44 -4.18
C THR B 206 4.79 -32.99 -4.94
N LYS B 207 5.50 -33.93 -4.32
CA LYS B 207 6.67 -34.53 -4.96
C LYS B 207 7.06 -35.84 -4.26
N ALA B 208 6.16 -36.83 -4.33
CA ALA B 208 6.43 -38.12 -3.71
C ALA B 208 7.69 -38.73 -4.31
N UNK B 209 7.97 -39.98 -3.97
CA UNK B 209 9.15 -40.64 -4.49
C UNK B 209 9.14 -42.12 -4.14
#